data_4K6N
#
_entry.id   4K6N
#
_cell.length_a   90.966
_cell.length_b   113.893
_cell.length_c   86.004
_cell.angle_alpha   90.00
_cell.angle_beta   90.00
_cell.angle_gamma   90.00
#
_symmetry.space_group_name_H-M   'C 2 2 21'
#
loop_
_entity.id
_entity.type
_entity.pdbx_description
1 polymer 'Aminodeoxychorismate lyase'
2 non-polymer "PYRIDOXAL-5'-PHOSPHATE"
3 water water
#
_entity_poly.entity_id   1
_entity_poly.type   'polypeptide(L)'
_entity_poly.pdbx_seq_one_letter_code
;MGHHHHHHMMSLMDNWKTDMESYDEGGLVANPNFEVLATFRYDPGFARQSASKKEIFETPDPRLGLRDEDIRQQIINEDY
SSYLRVREVNSGGDLLENIQHPDAWKHDCKTIVCQRVEDMLQVIYERFFLLDEQYQRIRIALSYFKIDFSTSLNDLLKLL
VENLINCKEGNSEYHEKIQKMINERQCYKMRVLVSKTGDIRIEAIPMPMEPILKLTTDYDSVSTYFIKTMLNGFLIDSTI
NWDVVVSSEPLNASAFTSFKTTSRDHYARARVRMQTAINNLRGSEPTSSVSQCEILFSNKSGLLMEGSITNVAVIQKDPN
GSKKYVTPRLATGCLCGTMRHYLLRLGLIEEGDIDIGSLTVGNEVLLFNGVMGCIKGTVKTKY
;
_entity_poly.pdbx_strand_id   A
#
# COMPACT_ATOMS: atom_id res chain seq x y z
N PRO A 32 12.15 -21.31 11.65
CA PRO A 32 12.47 -20.99 10.25
C PRO A 32 13.48 -19.85 10.14
N ASN A 33 14.10 -19.68 8.97
CA ASN A 33 15.06 -18.59 8.72
C ASN A 33 14.45 -17.42 7.93
N PHE A 34 13.49 -16.76 8.56
CA PHE A 34 12.67 -15.75 7.88
C PHE A 34 13.39 -14.42 7.67
N GLU A 35 12.83 -13.59 6.80
CA GLU A 35 13.27 -12.22 6.60
C GLU A 35 12.10 -11.28 6.85
N VAL A 36 12.38 -10.13 7.44
CA VAL A 36 11.33 -9.13 7.58
C VAL A 36 11.12 -8.54 6.19
N LEU A 37 9.86 -8.26 5.84
CA LEU A 37 9.53 -7.91 4.48
C LEU A 37 8.74 -6.59 4.38
N ALA A 38 9.13 -5.77 3.41
CA ALA A 38 8.40 -4.55 3.05
C ALA A 38 8.21 -4.47 1.54
N THR A 39 6.96 -4.29 1.07
CA THR A 39 6.69 -4.14 -0.37
C THR A 39 5.86 -2.89 -0.62
N PHE A 40 6.25 -2.09 -1.61
CA PHE A 40 5.58 -0.81 -1.84
C PHE A 40 5.82 -0.34 -3.26
N ARG A 41 4.88 0.46 -3.76
CA ARG A 41 4.94 0.96 -5.13
C ARG A 41 6.05 2.00 -5.32
N TYR A 42 6.77 1.92 -6.46
CA TYR A 42 7.53 3.05 -7.01
C TYR A 42 6.76 3.49 -8.25
N ASP A 43 6.31 4.75 -8.27
CA ASP A 43 5.48 5.23 -9.40
C ASP A 43 5.96 6.61 -9.85
N PRO A 44 6.63 6.68 -11.01
CA PRO A 44 7.07 7.98 -11.54
C PRO A 44 5.96 9.02 -11.68
N GLY A 45 4.72 8.56 -11.88
CA GLY A 45 3.58 9.46 -12.05
C GLY A 45 3.21 10.19 -10.77
N PHE A 46 3.81 9.79 -9.63
CA PHE A 46 3.55 10.46 -8.36
C PHE A 46 4.41 11.72 -8.15
N ALA A 47 5.47 11.90 -8.94
CA ALA A 47 6.27 13.12 -8.86
C ALA A 47 6.83 13.36 -10.25
N ARG A 48 6.19 14.28 -10.96
CA ARG A 48 6.32 14.39 -12.40
C ARG A 48 6.91 15.75 -12.80
N GLN A 49 7.78 15.76 -13.80
CA GLN A 49 8.26 17.02 -14.32
C GLN A 49 7.10 17.80 -14.95
N SER A 50 6.97 19.07 -14.59
CA SER A 50 6.00 19.96 -15.20
C SER A 50 6.19 20.01 -16.72
N ALA A 51 5.10 19.95 -17.48
CA ALA A 51 5.15 20.12 -18.94
C ALA A 51 5.39 21.58 -19.34
N SER A 52 4.93 22.53 -18.52
CA SER A 52 5.10 23.95 -18.80
C SER A 52 6.47 24.51 -18.35
N LYS A 53 6.87 24.23 -17.11
CA LYS A 53 8.13 24.77 -16.59
C LYS A 53 9.07 23.69 -16.05
N LYS A 54 10.24 23.58 -16.68
CA LYS A 54 11.15 22.46 -16.43
C LYS A 54 11.84 22.44 -15.07
N GLU A 55 11.84 23.56 -14.33
CA GLU A 55 12.43 23.57 -12.99
C GLU A 55 11.44 23.06 -11.93
N ILE A 56 10.24 22.71 -12.36
CA ILE A 56 9.13 22.36 -11.45
C ILE A 56 8.78 20.86 -11.55
N PHE A 57 8.70 20.20 -10.41
CA PHE A 57 8.10 18.87 -10.33
C PHE A 57 6.78 18.95 -9.58
N GLU A 58 5.81 18.17 -10.03
CA GLU A 58 4.44 18.23 -9.49
C GLU A 58 4.17 16.95 -8.72
N THR A 59 3.60 17.10 -7.54
CA THR A 59 3.22 15.97 -6.69
C THR A 59 1.75 16.16 -6.22
N PRO A 60 1.13 15.12 -5.66
CA PRO A 60 -0.29 15.26 -5.33
C PRO A 60 -0.59 16.38 -4.32
N ASP A 61 -1.81 16.91 -4.39
CA ASP A 61 -2.36 17.87 -3.42
C ASP A 61 -2.08 17.38 -1.98
N PRO A 62 -1.62 18.27 -1.07
CA PRO A 62 -1.31 17.90 0.31
C PRO A 62 -2.47 17.21 1.04
N ARG A 63 -3.71 17.49 0.66
CA ARG A 63 -4.86 16.79 1.26
C ARG A 63 -4.79 15.28 1.07
N LEU A 64 -4.03 14.82 0.08
CA LEU A 64 -3.95 13.40 -0.17
C LEU A 64 -2.92 12.74 0.75
N GLY A 65 -2.27 13.53 1.60
CA GLY A 65 -1.51 12.99 2.76
C GLY A 65 -0.24 12.19 2.47
N LEU A 66 0.32 12.35 1.28
CA LEU A 66 1.55 11.62 0.95
C LEU A 66 2.79 12.08 1.76
N ARG A 67 2.79 13.35 2.20
CA ARG A 67 3.95 13.99 2.84
C ARG A 67 3.69 14.38 4.30
N ASP A 68 3.08 13.48 5.08
CA ASP A 68 2.68 13.81 6.46
C ASP A 68 3.81 14.33 7.39
N GLU A 69 3.65 15.57 7.84
CA GLU A 69 4.65 16.23 8.69
C GLU A 69 4.92 15.55 10.04
N ASP A 70 3.84 15.16 10.71
CA ASP A 70 3.93 14.42 11.96
C ASP A 70 4.81 13.18 11.85
N ILE A 71 4.52 12.35 10.84
CA ILE A 71 5.31 11.15 10.59
C ILE A 71 6.77 11.50 10.25
N ARG A 72 6.98 12.51 9.42
CA ARG A 72 8.32 12.99 9.10
C ARG A 72 9.11 13.31 10.38
N GLN A 73 8.46 14.04 11.28
CA GLN A 73 9.07 14.42 12.57
C GLN A 73 9.32 13.21 13.46
N GLN A 74 8.39 12.27 13.46
CA GLN A 74 8.53 11.03 14.26
C GLN A 74 9.81 10.29 13.87
N ILE A 75 10.04 10.19 12.57
CA ILE A 75 11.24 9.55 12.03
C ILE A 75 12.49 10.36 12.42
N ILE A 76 12.48 11.67 12.20
CA ILE A 76 13.59 12.53 12.68
C ILE A 76 13.88 12.27 14.16
N ASN A 77 12.83 12.06 14.96
CA ASN A 77 12.97 11.83 16.39
C ASN A 77 13.21 10.36 16.77
N GLU A 78 13.38 9.50 15.77
CA GLU A 78 13.58 8.05 15.97
C GLU A 78 12.42 7.44 16.76
N ASP A 79 11.23 7.96 16.52
CA ASP A 79 10.02 7.44 17.12
C ASP A 79 9.33 6.55 16.08
N TYR A 80 9.50 5.24 16.22
CA TYR A 80 8.88 4.30 15.28
C TYR A 80 7.57 3.73 15.82
N SER A 81 7.48 3.56 17.12
CA SER A 81 6.32 2.90 17.73
C SER A 81 5.02 3.72 17.62
N SER A 82 5.12 5.03 17.37
CA SER A 82 3.95 5.86 17.14
C SER A 82 3.14 5.42 15.90
N TYR A 83 3.78 4.69 15.01
CA TYR A 83 3.09 4.05 13.88
C TYR A 83 1.88 3.20 14.33
N LEU A 84 1.97 2.65 15.54
CA LEU A 84 0.93 1.75 16.07
C LEU A 84 -0.23 2.50 16.71
N ARG A 85 -0.03 3.77 17.01
CA ARG A 85 -1.02 4.54 17.75
C ARG A 85 -2.21 4.90 16.86
N VAL A 86 -3.40 4.73 17.42
CA VAL A 86 -4.65 5.05 16.74
C VAL A 86 -4.83 6.57 16.76
N ARG A 87 -4.76 7.20 15.59
CA ARG A 87 -4.97 8.65 15.48
C ARG A 87 -6.41 8.96 15.87
N GLU A 88 -6.58 9.51 17.06
CA GLU A 88 -7.90 9.77 17.64
C GLU A 88 -8.79 10.62 16.73
N VAL A 89 -9.90 10.01 16.26
CA VAL A 89 -10.95 10.67 15.47
C VAL A 89 -10.41 11.38 14.21
N ASN A 90 -11.29 11.64 13.25
CA ASN A 90 -10.90 12.37 12.05
C ASN A 90 -11.97 13.23 11.42
N SER A 91 -11.57 14.44 11.05
CA SER A 91 -12.37 15.32 10.21
C SER A 91 -12.00 15.06 8.74
N GLY A 92 -12.03 13.79 8.35
CA GLY A 92 -11.72 13.39 6.97
C GLY A 92 -12.87 13.64 6.04
N GLY A 93 -13.93 12.84 6.20
CA GLY A 93 -15.19 12.91 5.43
C GLY A 93 -15.53 14.27 4.84
N ASP A 94 -15.72 14.28 3.52
CA ASP A 94 -15.61 15.46 2.65
C ASP A 94 -14.43 15.24 1.71
N LEU A 95 -13.34 14.73 2.30
CA LEU A 95 -12.25 14.22 1.48
C LEU A 95 -12.84 13.14 0.56
N LEU A 96 -13.66 12.24 1.11
CA LEU A 96 -14.24 11.18 0.31
C LEU A 96 -15.07 11.73 -0.83
N GLU A 97 -15.96 12.69 -0.53
CA GLU A 97 -16.73 13.37 -1.58
C GLU A 97 -15.85 13.94 -2.71
N ASN A 98 -14.77 14.60 -2.33
CA ASN A 98 -13.83 15.21 -3.27
C ASN A 98 -13.06 14.16 -4.08
N ILE A 99 -12.60 13.10 -3.42
CA ILE A 99 -11.92 12.00 -4.12
C ILE A 99 -12.83 11.40 -5.19
N GLN A 100 -14.14 11.38 -4.91
CA GLN A 100 -15.12 10.81 -5.82
C GLN A 100 -15.39 11.71 -7.02
N HIS A 101 -14.69 12.86 -7.06
CA HIS A 101 -14.60 13.72 -8.25
C HIS A 101 -13.15 13.88 -8.64
N PRO A 102 -12.52 12.79 -9.11
CA PRO A 102 -11.06 12.79 -9.21
C PRO A 102 -10.53 13.76 -10.28
N ASP A 103 -11.32 14.07 -11.31
CA ASP A 103 -10.85 14.98 -12.34
C ASP A 103 -10.90 16.46 -11.91
N ALA A 104 -11.51 16.74 -10.76
CA ALA A 104 -11.67 18.12 -10.34
C ALA A 104 -10.41 18.62 -9.61
N TRP A 105 -9.45 17.72 -9.35
CA TRP A 105 -8.25 18.08 -8.59
C TRP A 105 -7.23 18.77 -9.46
N LYS A 106 -7.07 20.08 -9.30
CA LYS A 106 -6.11 20.82 -10.10
C LYS A 106 -4.92 21.35 -9.30
N HIS A 107 -4.95 21.22 -7.97
CA HIS A 107 -3.95 21.85 -7.12
C HIS A 107 -2.80 20.97 -6.71
N ASP A 108 -2.01 20.56 -7.70
CA ASP A 108 -0.81 19.79 -7.42
C ASP A 108 0.18 20.61 -6.60
N CYS A 109 0.92 19.94 -5.73
CA CYS A 109 2.04 20.57 -5.06
C CYS A 109 3.17 20.78 -6.07
N LYS A 110 3.80 21.96 -6.04
CA LYS A 110 4.90 22.29 -6.95
C LYS A 110 6.21 22.53 -6.18
N THR A 111 7.29 21.91 -6.65
CA THR A 111 8.61 22.04 -6.01
C THR A 111 9.67 22.38 -7.07
N ILE A 112 10.52 23.35 -6.75
CA ILE A 112 11.67 23.67 -7.60
C ILE A 112 12.73 22.58 -7.45
N VAL A 113 13.13 21.99 -8.56
CA VAL A 113 14.07 20.87 -8.57
C VAL A 113 15.21 21.21 -9.51
N CYS A 114 16.43 21.25 -8.98
CA CYS A 114 17.63 21.51 -9.81
C CYS A 114 18.29 20.19 -10.17
N GLN A 115 19.31 20.26 -11.02
CA GLN A 115 20.01 19.08 -11.51
C GLN A 115 21.01 18.49 -10.51
N ARG A 116 20.77 18.74 -9.21
CA ARG A 116 21.65 18.29 -8.16
C ARG A 116 21.19 16.94 -7.61
N VAL A 117 22.15 16.09 -7.24
CA VAL A 117 21.84 14.76 -6.70
C VAL A 117 20.78 14.81 -5.59
N GLU A 118 20.89 15.77 -4.65
CA GLU A 118 19.94 15.83 -3.52
C GLU A 118 18.52 16.04 -3.99
N ASP A 119 18.33 16.96 -4.94
CA ASP A 119 17.01 17.26 -5.48
C ASP A 119 16.45 16.04 -6.20
N MET A 120 17.32 15.37 -6.96
CA MET A 120 16.91 14.16 -7.66
C MET A 120 16.56 13.02 -6.71
N LEU A 121 17.37 12.78 -5.68
CA LEU A 121 17.04 11.76 -4.67
C LEU A 121 15.69 12.03 -4.01
N GLN A 122 15.41 13.31 -3.76
CA GLN A 122 14.11 13.71 -3.20
C GLN A 122 12.93 13.42 -4.14
N VAL A 123 13.08 13.69 -5.43
CA VAL A 123 12.04 13.28 -6.41
C VAL A 123 11.78 11.75 -6.33
N ILE A 124 12.85 10.97 -6.28
CA ILE A 124 12.74 9.51 -6.27
C ILE A 124 12.09 9.07 -4.95
N TYR A 125 12.55 9.62 -3.84
CA TYR A 125 11.88 9.39 -2.55
C TYR A 125 10.35 9.60 -2.60
N GLU A 126 9.93 10.70 -3.23
CA GLU A 126 8.50 11.04 -3.33
C GLU A 126 7.70 10.13 -4.26
N ARG A 127 8.42 9.35 -5.08
CA ARG A 127 7.80 8.31 -5.90
C ARG A 127 7.64 6.95 -5.20
N PHE A 128 8.21 6.79 -4.00
CA PHE A 128 8.02 5.55 -3.24
C PHE A 128 6.80 5.73 -2.36
N PHE A 129 5.79 4.88 -2.53
CA PHE A 129 4.53 5.06 -1.81
C PHE A 129 4.63 4.69 -0.33
N LEU A 130 4.45 5.69 0.54
CA LEU A 130 4.42 5.52 2.01
C LEU A 130 5.73 4.95 2.57
N LEU A 131 6.85 5.37 2.02
CA LEU A 131 8.16 4.84 2.47
C LEU A 131 8.40 5.17 3.95
N ASP A 132 7.97 6.35 4.39
CA ASP A 132 8.15 6.72 5.81
C ASP A 132 7.41 5.72 6.72
N GLU A 133 6.17 5.42 6.36
CA GLU A 133 5.37 4.46 7.16
C GLU A 133 5.96 3.04 7.06
N GLN A 134 6.44 2.67 5.87
CA GLN A 134 7.11 1.39 5.71
C GLN A 134 8.33 1.34 6.61
N TYR A 135 9.06 2.45 6.68
CA TYR A 135 10.26 2.52 7.50
C TYR A 135 9.92 2.32 8.97
N GLN A 136 8.90 3.01 9.47
CA GLN A 136 8.54 2.84 10.87
C GLN A 136 8.17 1.39 11.18
N ARG A 137 7.38 0.78 10.30
CA ARG A 137 6.93 -0.57 10.57
C ARG A 137 8.10 -1.55 10.55
N ILE A 138 9.00 -1.42 9.58
CA ILE A 138 10.16 -2.30 9.56
C ILE A 138 11.02 -2.13 10.84
N ARG A 139 11.17 -0.91 11.34
CA ARG A 139 11.95 -0.70 12.58
C ARG A 139 11.27 -1.37 13.78
N ILE A 140 9.94 -1.32 13.83
CA ILE A 140 9.19 -1.96 14.92
C ILE A 140 9.38 -3.48 14.85
N ALA A 141 9.16 -4.05 13.66
CA ALA A 141 9.28 -5.49 13.46
C ALA A 141 10.70 -5.91 13.82
N LEU A 142 11.71 -5.18 13.33
CA LEU A 142 13.11 -5.58 13.58
C LEU A 142 13.43 -5.54 15.07
N SER A 143 12.96 -4.50 15.76
CA SER A 143 13.09 -4.42 17.21
C SER A 143 12.40 -5.61 17.92
N TYR A 144 11.17 -5.91 17.51
CA TYR A 144 10.43 -7.04 18.09
C TYR A 144 11.16 -8.38 17.89
N PHE A 145 11.66 -8.63 16.69
CA PHE A 145 12.38 -9.87 16.41
C PHE A 145 13.84 -9.86 16.88
N LYS A 146 14.28 -8.77 17.52
CA LYS A 146 15.66 -8.62 18.03
C LYS A 146 16.74 -8.79 16.96
N ILE A 147 16.50 -8.11 15.84
CA ILE A 147 17.45 -8.10 14.73
C ILE A 147 18.14 -6.74 14.75
N ASP A 148 19.46 -6.75 14.88
CA ASP A 148 20.25 -5.52 14.89
C ASP A 148 20.10 -4.76 13.58
N PHE A 149 19.93 -3.46 13.68
CA PHE A 149 19.69 -2.64 12.48
C PHE A 149 20.10 -1.22 12.72
N SER A 150 20.79 -0.62 11.77
CA SER A 150 21.26 0.74 11.97
C SER A 150 21.20 1.54 10.68
N THR A 151 20.42 1.07 9.72
CA THR A 151 20.31 1.78 8.46
C THR A 151 19.24 2.86 8.61
N SER A 152 19.65 4.11 8.43
CA SER A 152 18.70 5.23 8.49
C SER A 152 17.74 5.19 7.30
N LEU A 153 16.65 5.95 7.39
CA LEU A 153 15.75 6.09 6.24
C LEU A 153 16.47 6.66 5.03
N ASN A 154 17.31 7.68 5.24
CA ASN A 154 18.08 8.21 4.10
C ASN A 154 19.03 7.18 3.48
N ASP A 155 19.68 6.36 4.32
CA ASP A 155 20.51 5.28 3.80
C ASP A 155 19.70 4.21 3.07
N LEU A 156 18.51 3.89 3.56
CA LEU A 156 17.65 2.97 2.84
C LEU A 156 17.24 3.52 1.48
N LEU A 157 16.87 4.79 1.43
CA LEU A 157 16.54 5.44 0.18
C LEU A 157 17.68 5.31 -0.85
N LYS A 158 18.90 5.59 -0.41
CA LYS A 158 20.08 5.42 -1.28
C LYS A 158 20.24 3.99 -1.77
N LEU A 159 19.96 3.01 -0.91
CA LEU A 159 20.00 1.61 -1.33
C LEU A 159 18.94 1.32 -2.39
N LEU A 160 17.76 1.90 -2.23
CA LEU A 160 16.66 1.71 -3.18
C LEU A 160 17.07 2.29 -4.52
N VAL A 161 17.70 3.47 -4.46
CA VAL A 161 18.15 4.14 -5.69
C VAL A 161 19.22 3.30 -6.39
N GLU A 162 20.20 2.81 -5.63
CA GLU A 162 21.25 1.95 -6.21
C GLU A 162 20.68 0.72 -6.91
N ASN A 163 19.63 0.14 -6.31
CA ASN A 163 18.95 -0.96 -6.96
C ASN A 163 18.32 -0.55 -8.29
N LEU A 164 17.60 0.58 -8.29
CA LEU A 164 16.88 1.03 -9.48
C LEU A 164 17.83 1.40 -10.64
N ILE A 165 18.97 1.98 -10.30
CA ILE A 165 19.93 2.41 -11.36
C ILE A 165 21.03 1.39 -11.63
N ASN A 166 21.09 0.35 -10.80
CA ASN A 166 22.12 -0.67 -10.90
C ASN A 166 23.51 -0.02 -10.88
N CYS A 167 23.74 0.86 -9.91
CA CYS A 167 25.00 1.59 -9.82
C CYS A 167 25.17 2.12 -8.41
N LYS A 168 26.40 2.09 -7.91
CA LYS A 168 26.64 2.53 -6.54
C LYS A 168 27.07 3.99 -6.46
N GLU A 169 26.67 4.65 -5.38
CA GLU A 169 27.19 5.98 -5.05
C GLU A 169 28.72 5.94 -5.09
N GLY A 170 29.32 6.99 -5.65
CA GLY A 170 30.78 7.00 -5.81
C GLY A 170 31.25 6.60 -7.20
N ASN A 171 30.43 5.82 -7.93
CA ASN A 171 30.78 5.46 -9.32
C ASN A 171 30.68 6.70 -10.19
N SER A 172 31.56 6.83 -11.17
CA SER A 172 31.57 8.03 -12.01
C SER A 172 30.25 8.26 -12.76
N GLU A 173 29.50 7.19 -13.00
CA GLU A 173 28.26 7.30 -13.78
C GLU A 173 26.99 7.43 -12.93
N TYR A 174 27.15 7.47 -11.61
CA TYR A 174 26.03 7.52 -10.67
C TYR A 174 25.07 8.67 -10.98
N HIS A 175 25.61 9.88 -11.09
CA HIS A 175 24.82 11.09 -11.35
C HIS A 175 24.04 11.00 -12.66
N GLU A 176 24.72 10.62 -13.74
CA GLU A 176 24.06 10.49 -15.03
C GLU A 176 22.99 9.40 -15.01
N LYS A 177 23.27 8.30 -14.32
CA LYS A 177 22.29 7.19 -14.27
C LYS A 177 21.06 7.56 -13.43
N ILE A 178 21.24 8.39 -12.40
CA ILE A 178 20.10 8.90 -11.66
C ILE A 178 19.19 9.76 -12.56
N GLN A 179 19.79 10.68 -13.31
CA GLN A 179 19.02 11.51 -14.25
C GLN A 179 18.27 10.65 -15.27
N LYS A 180 18.94 9.64 -15.82
CA LYS A 180 18.34 8.76 -16.84
C LYS A 180 17.16 7.98 -16.25
N MET A 181 17.35 7.41 -15.06
CA MET A 181 16.32 6.57 -14.45
C MET A 181 15.09 7.41 -14.12
N ILE A 182 15.32 8.60 -13.57
CA ILE A 182 14.23 9.53 -13.25
C ILE A 182 13.31 9.85 -14.44
N ASN A 183 13.87 9.99 -15.64
CA ASN A 183 13.06 10.29 -16.82
C ASN A 183 12.19 9.10 -17.26
N GLU A 184 12.51 7.90 -16.76
CA GLU A 184 11.78 6.71 -17.16
C GLU A 184 10.40 6.64 -16.52
N ARG A 185 9.49 5.90 -17.14
CA ARG A 185 8.10 5.90 -16.68
C ARG A 185 7.63 4.55 -16.19
N GLN A 186 8.56 3.62 -16.06
CA GLN A 186 8.24 2.29 -15.52
C GLN A 186 7.90 2.33 -14.02
N CYS A 187 6.75 1.75 -13.66
CA CYS A 187 6.40 1.47 -12.27
C CYS A 187 7.05 0.18 -11.79
N TYR A 188 7.40 0.13 -10.51
CA TYR A 188 7.91 -1.12 -9.88
C TYR A 188 7.23 -1.44 -8.57
N LYS A 189 7.11 -2.74 -8.28
CA LYS A 189 6.85 -3.18 -6.93
C LYS A 189 8.23 -3.38 -6.31
N MET A 190 8.54 -2.58 -5.29
CA MET A 190 9.79 -2.69 -4.54
C MET A 190 9.61 -3.73 -3.43
N ARG A 191 10.62 -4.57 -3.24
CA ARG A 191 10.63 -5.49 -2.11
C ARG A 191 11.94 -5.31 -1.33
N VAL A 192 11.80 -5.03 -0.04
CA VAL A 192 12.94 -4.89 0.85
C VAL A 192 12.85 -6.06 1.82
N LEU A 193 13.94 -6.81 1.91
CA LEU A 193 14.01 -7.99 2.77
C LEU A 193 15.18 -7.78 3.72
N VAL A 194 14.95 -7.97 5.03
CA VAL A 194 16.01 -7.83 6.03
C VAL A 194 16.15 -9.17 6.75
N SER A 195 17.34 -9.77 6.67
CA SER A 195 17.62 -11.09 7.25
C SER A 195 17.82 -10.99 8.77
N LYS A 196 17.88 -12.14 9.44
CA LYS A 196 18.07 -12.17 10.89
C LYS A 196 19.39 -11.55 11.36
N THR A 197 20.36 -11.43 10.44
CA THR A 197 21.62 -10.76 10.76
C THR A 197 21.57 -9.29 10.36
N GLY A 198 20.41 -8.82 9.90
CA GLY A 198 20.23 -7.42 9.54
C GLY A 198 20.65 -7.03 8.13
N ASP A 199 21.00 -8.00 7.30
CA ASP A 199 21.43 -7.74 5.91
C ASP A 199 20.21 -7.38 5.07
N ILE A 200 20.37 -6.35 4.24
CA ILE A 200 19.24 -5.86 3.43
C ILE A 200 19.42 -6.34 2.00
N ARG A 201 18.35 -6.90 1.42
CA ARG A 201 18.31 -7.20 -0.01
C ARG A 201 17.10 -6.50 -0.62
N ILE A 202 17.28 -5.97 -1.82
CA ILE A 202 16.23 -5.21 -2.49
C ILE A 202 15.93 -5.80 -3.87
N GLU A 203 14.64 -5.88 -4.22
CA GLU A 203 14.21 -6.25 -5.56
C GLU A 203 13.24 -5.20 -6.11
N ALA A 204 13.32 -4.93 -7.40
CA ALA A 204 12.34 -4.08 -8.07
C ALA A 204 11.66 -4.91 -9.15
N ILE A 205 10.37 -5.18 -8.99
CA ILE A 205 9.63 -5.99 -9.94
C ILE A 205 8.79 -5.06 -10.82
N PRO A 206 9.01 -5.09 -12.14
CA PRO A 206 8.28 -4.19 -13.03
C PRO A 206 6.80 -4.47 -12.95
N MET A 207 5.99 -3.42 -12.87
CA MET A 207 4.56 -3.59 -12.90
C MET A 207 3.88 -2.71 -13.96
N PRO A 208 2.88 -3.28 -14.63
CA PRO A 208 2.20 -2.61 -15.73
C PRO A 208 1.19 -1.60 -15.22
N MET A 209 0.86 -0.61 -16.06
CA MET A 209 -0.19 0.35 -15.73
C MET A 209 -1.44 -0.03 -16.53
N GLU A 210 -2.61 0.35 -16.02
CA GLU A 210 -3.86 0.21 -16.78
C GLU A 210 -3.71 1.03 -18.08
N PRO A 211 -4.08 0.44 -19.25
CA PRO A 211 -3.73 1.08 -20.52
C PRO A 211 -4.25 2.51 -20.71
N ILE A 212 -5.46 2.79 -20.25
CA ILE A 212 -6.03 4.12 -20.43
C ILE A 212 -5.27 5.14 -19.57
N LEU A 213 -4.96 4.78 -18.33
CA LEU A 213 -4.15 5.65 -17.46
C LEU A 213 -2.77 5.88 -18.06
N LYS A 214 -2.19 4.84 -18.66
CA LYS A 214 -0.84 4.95 -19.23
C LYS A 214 -0.84 5.96 -20.38
N LEU A 215 -1.88 5.90 -21.21
CA LEU A 215 -2.00 6.74 -22.38
C LEU A 215 -2.22 8.21 -22.02
N THR A 216 -2.99 8.46 -20.97
CA THR A 216 -3.55 9.79 -20.74
C THR A 216 -3.03 10.43 -19.45
N THR A 217 -2.06 9.80 -18.78
CA THR A 217 -1.52 10.33 -17.53
C THR A 217 -1.06 11.80 -17.62
N ASP A 218 -0.45 12.18 -18.75
CA ASP A 218 0.04 13.55 -18.93
C ASP A 218 -1.06 14.61 -18.98
N TYR A 219 -2.30 14.18 -19.23
CA TYR A 219 -3.39 15.14 -19.45
C TYR A 219 -4.14 15.54 -18.20
N ASP A 220 -3.98 14.77 -17.14
CA ASP A 220 -4.62 15.15 -15.90
C ASP A 220 -3.55 15.50 -14.87
N SER A 221 -3.96 16.03 -13.72
CA SER A 221 -3.02 16.41 -12.68
C SER A 221 -2.39 15.17 -12.08
N VAL A 222 -1.32 15.37 -11.32
CA VAL A 222 -0.72 14.30 -10.56
C VAL A 222 -1.69 13.80 -9.48
N SER A 223 -2.44 14.74 -8.88
CA SER A 223 -3.47 14.40 -7.88
C SER A 223 -4.49 13.44 -8.46
N THR A 224 -4.98 13.77 -9.64
CA THR A 224 -5.94 12.92 -10.32
C THR A 224 -5.34 11.53 -10.64
N TYR A 225 -4.11 11.52 -11.16
CA TYR A 225 -3.43 10.24 -11.45
C TYR A 225 -3.36 9.40 -10.17
N PHE A 226 -2.97 10.05 -9.08
CA PHE A 226 -2.80 9.35 -7.83
C PHE A 226 -4.11 8.73 -7.36
N ILE A 227 -5.18 9.51 -7.41
CA ILE A 227 -6.51 9.04 -6.97
C ILE A 227 -6.97 7.84 -7.83
N LYS A 228 -6.83 7.96 -9.13
CA LYS A 228 -7.27 6.88 -10.04
C LYS A 228 -6.44 5.60 -9.88
N THR A 229 -5.19 5.74 -9.46
CA THR A 229 -4.26 4.61 -9.36
C THR A 229 -4.37 3.89 -8.01
N MET A 230 -4.50 4.69 -6.95
CA MET A 230 -4.37 4.20 -5.58
C MET A 230 -5.64 4.29 -4.73
N LEU A 231 -6.64 5.07 -5.18
CA LEU A 231 -7.88 5.20 -4.39
C LEU A 231 -9.09 4.77 -5.23
N ASN A 232 -8.81 3.89 -6.19
CA ASN A 232 -9.82 3.44 -7.14
C ASN A 232 -11.05 2.83 -6.47
N GLY A 233 -10.83 2.13 -5.36
CA GLY A 233 -11.88 1.48 -4.58
C GLY A 233 -12.97 2.43 -4.10
N PHE A 234 -12.64 3.72 -3.98
CA PHE A 234 -13.61 4.71 -3.51
C PHE A 234 -14.44 5.32 -4.65
N LEU A 235 -13.98 5.16 -5.88
CA LEU A 235 -14.63 5.82 -7.02
C LEU A 235 -15.97 5.20 -7.38
N ILE A 236 -16.94 6.05 -7.67
CA ILE A 236 -18.29 5.61 -7.98
C ILE A 236 -18.30 4.69 -9.21
N ASP A 237 -17.50 5.00 -10.22
CA ASP A 237 -17.54 4.31 -11.51
C ASP A 237 -16.32 3.42 -11.76
N SER A 238 -15.73 2.91 -10.69
CA SER A 238 -14.59 2.01 -10.85
C SER A 238 -15.04 0.70 -11.52
N THR A 239 -14.13 0.09 -12.27
CA THR A 239 -14.44 -1.20 -12.91
C THR A 239 -13.75 -2.39 -12.21
N ILE A 240 -12.61 -2.17 -11.54
CA ILE A 240 -11.94 -3.23 -10.79
C ILE A 240 -12.78 -3.67 -9.60
N ASN A 241 -13.02 -4.98 -9.52
CA ASN A 241 -13.83 -5.53 -8.46
C ASN A 241 -13.48 -6.99 -8.25
N TRP A 242 -12.65 -7.26 -7.26
CA TRP A 242 -12.18 -8.64 -7.06
C TRP A 242 -13.22 -9.52 -6.45
N ASP A 243 -13.23 -10.77 -6.88
CA ASP A 243 -14.14 -11.77 -6.31
C ASP A 243 -13.56 -12.23 -4.98
N VAL A 244 -14.35 -12.19 -3.92
CA VAL A 244 -13.83 -12.48 -2.60
C VAL A 244 -14.43 -13.77 -2.03
N VAL A 245 -13.56 -14.60 -1.48
CA VAL A 245 -13.92 -15.82 -0.75
C VAL A 245 -13.87 -15.52 0.75
N VAL A 246 -14.92 -15.91 1.49
CA VAL A 246 -14.89 -15.87 2.93
C VAL A 246 -14.51 -17.26 3.45
N SER A 247 -13.38 -17.34 4.15
CA SER A 247 -12.83 -18.63 4.58
C SER A 247 -13.57 -19.14 5.81
N SER A 248 -13.77 -20.45 5.87
CA SER A 248 -14.33 -21.12 7.05
C SER A 248 -13.25 -21.42 8.07
N GLU A 249 -11.98 -21.30 7.68
CA GLU A 249 -10.86 -21.67 8.56
C GLU A 249 -10.28 -20.47 9.23
N PRO A 250 -10.33 -20.41 10.56
CA PRO A 250 -9.63 -19.34 11.25
C PRO A 250 -8.10 -19.48 11.16
N LEU A 251 -7.40 -18.35 11.26
CA LEU A 251 -5.95 -18.36 11.43
C LEU A 251 -5.63 -18.03 12.87
N ASN A 252 -4.48 -18.49 13.34
CA ASN A 252 -3.99 -18.07 14.65
C ASN A 252 -3.26 -16.75 14.48
N ALA A 253 -3.62 -15.75 15.26
CA ALA A 253 -2.86 -14.51 15.32
C ALA A 253 -1.47 -14.88 15.84
N SER A 254 -0.44 -14.27 15.25
CA SER A 254 0.93 -14.48 15.73
C SER A 254 1.77 -13.29 15.31
N ALA A 255 3.05 -13.29 15.69
CA ALA A 255 4.00 -12.30 15.22
C ALA A 255 4.09 -12.31 13.68
N PHE A 256 3.71 -13.44 13.06
CA PHE A 256 3.82 -13.60 11.60
C PHE A 256 2.53 -13.24 10.90
N THR A 257 1.55 -12.79 11.69
CA THR A 257 0.40 -12.10 11.12
C THR A 257 0.47 -10.58 11.38
N SER A 258 0.84 -10.20 12.61
CA SER A 258 0.93 -8.78 12.99
C SER A 258 2.04 -8.04 12.23
N PHE A 259 3.09 -8.77 11.85
CA PHE A 259 4.19 -8.21 11.07
C PHE A 259 4.31 -8.89 9.73
N LYS A 260 4.94 -8.21 8.79
CA LYS A 260 5.11 -8.68 7.45
C LYS A 260 6.50 -9.29 7.33
N THR A 261 6.54 -10.53 6.95
CA THR A 261 7.71 -11.36 6.78
C THR A 261 7.58 -12.42 5.69
N THR A 262 8.66 -13.13 5.43
CA THR A 262 8.59 -14.20 4.40
C THR A 262 8.04 -15.51 4.97
N SER A 263 7.75 -15.53 6.27
CA SER A 263 7.16 -16.73 6.87
C SER A 263 5.65 -16.65 6.70
N ARG A 264 5.17 -17.28 5.64
CA ARG A 264 3.81 -17.04 5.17
C ARG A 264 3.03 -18.31 4.86
N ASP A 265 3.43 -19.43 5.45
CA ASP A 265 2.75 -20.70 5.15
C ASP A 265 1.25 -20.63 5.40
N HIS A 266 0.83 -19.90 6.44
CA HIS A 266 -0.59 -19.70 6.77
C HIS A 266 -1.35 -18.96 5.69
N TYR A 267 -0.73 -17.93 5.11
CA TYR A 267 -1.39 -17.20 4.01
C TYR A 267 -1.36 -18.01 2.72
N ALA A 268 -0.29 -18.76 2.53
CA ALA A 268 -0.17 -19.62 1.33
C ALA A 268 -1.25 -20.69 1.36
N ARG A 269 -1.50 -21.28 2.54
CA ARG A 269 -2.60 -22.26 2.68
C ARG A 269 -3.93 -21.61 2.35
N ALA A 270 -4.17 -20.39 2.87
CA ALA A 270 -5.41 -19.68 2.57
C ALA A 270 -5.57 -19.47 1.06
N ARG A 271 -4.47 -19.14 0.39
CA ARG A 271 -4.53 -18.83 -1.04
C ARG A 271 -4.81 -20.09 -1.91
N VAL A 272 -4.33 -21.24 -1.44
CA VAL A 272 -4.68 -22.51 -2.10
C VAL A 272 -6.18 -22.76 -1.93
N ARG A 273 -6.71 -22.54 -0.74
CA ARG A 273 -8.14 -22.71 -0.51
C ARG A 273 -8.96 -21.69 -1.31
N MET A 274 -8.45 -20.46 -1.45
CA MET A 274 -9.07 -19.44 -2.31
C MET A 274 -9.17 -19.97 -3.74
N GLN A 275 -8.06 -20.52 -4.24
CA GLN A 275 -8.02 -21.10 -5.58
C GLN A 275 -9.11 -22.17 -5.80
N THR A 276 -9.24 -23.11 -4.87
CA THR A 276 -10.31 -24.11 -4.92
C THR A 276 -11.67 -23.43 -5.01
N ALA A 277 -11.93 -22.49 -4.12
CA ALA A 277 -13.26 -21.85 -4.04
C ALA A 277 -13.60 -21.02 -5.28
N ILE A 278 -12.62 -20.29 -5.79
CA ILE A 278 -12.81 -19.42 -6.97
C ILE A 278 -13.01 -20.27 -8.22
N ASN A 279 -12.21 -21.33 -8.35
CA ASN A 279 -12.44 -22.28 -9.46
C ASN A 279 -13.78 -23.00 -9.41
N ASN A 280 -14.23 -23.40 -8.21
CA ASN A 280 -15.59 -23.93 -8.06
C ASN A 280 -16.63 -22.88 -8.51
N LEU A 281 -16.50 -21.65 -8.02
CA LEU A 281 -17.40 -20.55 -8.39
C LEU A 281 -17.44 -20.30 -9.91
N ARG A 282 -16.27 -20.24 -10.54
CA ARG A 282 -16.15 -19.85 -11.94
C ARG A 282 -16.30 -21.05 -12.88
N GLY A 283 -16.50 -22.24 -12.30
CA GLY A 283 -16.69 -23.47 -13.06
C GLY A 283 -15.46 -24.02 -13.80
N SER A 284 -14.27 -23.63 -13.37
CA SER A 284 -13.03 -24.14 -13.97
C SER A 284 -12.41 -25.22 -13.07
N GLU A 285 -11.42 -25.95 -13.59
CA GLU A 285 -10.76 -27.03 -12.84
C GLU A 285 -10.09 -26.46 -11.59
N PRO A 286 -10.17 -27.18 -10.46
CA PRO A 286 -9.74 -26.66 -9.14
C PRO A 286 -8.26 -26.27 -9.11
N THR A 287 -7.48 -26.85 -10.01
CA THR A 287 -6.04 -26.63 -10.10
C THR A 287 -5.64 -25.43 -10.98
N SER A 288 -6.57 -24.84 -11.72
CA SER A 288 -6.26 -23.66 -12.56
C SER A 288 -5.86 -22.45 -11.74
N SER A 289 -4.95 -21.66 -12.30
CA SER A 289 -4.58 -20.37 -11.76
C SER A 289 -5.78 -19.44 -11.66
N VAL A 290 -5.80 -18.61 -10.62
CA VAL A 290 -6.87 -17.63 -10.42
C VAL A 290 -6.30 -16.22 -10.17
N SER A 291 -6.97 -15.19 -10.67
CA SER A 291 -6.54 -13.83 -10.39
C SER A 291 -7.79 -12.97 -10.12
N GLN A 292 -7.56 -11.70 -9.80
CA GLN A 292 -8.65 -10.79 -9.41
C GLN A 292 -9.55 -11.41 -8.34
N CYS A 293 -8.91 -11.94 -7.31
CA CYS A 293 -9.64 -12.55 -6.22
C CYS A 293 -8.83 -12.45 -4.94
N GLU A 294 -9.52 -12.57 -3.81
CA GLU A 294 -8.86 -12.52 -2.51
C GLU A 294 -9.68 -13.42 -1.59
N ILE A 295 -9.04 -13.88 -0.53
CA ILE A 295 -9.71 -14.61 0.52
C ILE A 295 -9.59 -13.84 1.85
N LEU A 296 -10.69 -13.73 2.58
CA LEU A 296 -10.73 -13.08 3.89
C LEU A 296 -10.87 -14.16 4.96
N PHE A 297 -10.22 -13.97 6.10
CA PHE A 297 -10.28 -14.99 7.18
C PHE A 297 -10.37 -14.29 8.53
N SER A 298 -10.83 -15.05 9.54
CA SER A 298 -10.97 -14.53 10.89
C SER A 298 -9.82 -15.08 11.75
N ASN A 299 -9.70 -14.56 12.97
CA ASN A 299 -8.83 -15.19 13.95
C ASN A 299 -9.62 -16.25 14.70
N LYS A 300 -9.04 -16.83 15.73
CA LYS A 300 -9.70 -17.92 16.46
C LYS A 300 -10.97 -17.47 17.16
N SER A 301 -11.08 -16.19 17.50
CA SER A 301 -12.30 -15.68 18.15
C SER A 301 -13.44 -15.38 17.18
N GLY A 302 -13.21 -15.56 15.88
CA GLY A 302 -14.24 -15.34 14.86
C GLY A 302 -14.30 -13.90 14.35
N LEU A 303 -13.36 -13.05 14.76
CA LEU A 303 -13.31 -11.70 14.21
C LEU A 303 -12.52 -11.68 12.90
N LEU A 304 -13.09 -11.01 11.90
CA LEU A 304 -12.43 -10.80 10.62
C LEU A 304 -11.07 -10.15 10.84
N MET A 305 -10.04 -10.64 10.13
CA MET A 305 -8.71 -10.10 10.29
C MET A 305 -8.32 -9.27 9.08
N GLU A 306 -8.23 -9.93 7.92
CA GLU A 306 -7.61 -9.34 6.73
C GLU A 306 -7.75 -10.36 5.59
N GLY A 307 -7.20 -9.99 4.43
CA GLY A 307 -7.04 -10.90 3.30
C GLY A 307 -5.63 -11.46 3.24
N SER A 308 -5.39 -12.41 2.33
CA SER A 308 -4.05 -13.00 2.19
C SER A 308 -2.95 -11.99 1.82
N ILE A 309 -3.28 -10.96 1.05
CA ILE A 309 -2.31 -9.96 0.59
C ILE A 309 -2.84 -8.51 0.77
N THR A 310 -3.90 -8.35 1.57
CA THR A 310 -4.50 -7.01 1.71
C THR A 310 -5.06 -6.87 3.12
N ASN A 311 -5.23 -5.62 3.56
CA ASN A 311 -6.14 -5.35 4.67
C ASN A 311 -7.53 -5.05 4.09
N VAL A 312 -8.57 -5.13 4.91
CA VAL A 312 -9.97 -5.10 4.43
C VAL A 312 -10.78 -4.06 5.20
N ALA A 313 -11.74 -3.44 4.52
CA ALA A 313 -12.75 -2.69 5.21
C ALA A 313 -14.10 -3.20 4.72
N VAL A 314 -15.02 -3.41 5.63
CA VAL A 314 -16.39 -3.80 5.22
C VAL A 314 -17.25 -2.55 5.12
N ILE A 315 -18.21 -2.54 4.20
CA ILE A 315 -19.16 -1.42 4.03
C ILE A 315 -20.36 -1.62 4.95
N GLN A 316 -20.55 -0.69 5.89
CA GLN A 316 -21.71 -0.69 6.75
C GLN A 316 -22.52 0.56 6.44
N LYS A 317 -23.74 0.61 6.98
CA LYS A 317 -24.56 1.81 6.89
C LYS A 317 -25.09 2.23 8.26
N ASP A 318 -25.36 3.51 8.40
CA ASP A 318 -26.22 4.00 9.49
C ASP A 318 -27.25 4.93 8.86
N PRO A 319 -28.41 5.13 9.54
CA PRO A 319 -29.28 6.19 9.02
C PRO A 319 -28.52 7.53 8.92
N ASN A 320 -28.69 8.26 7.82
CA ASN A 320 -29.60 7.91 6.73
C ASN A 320 -28.94 7.23 5.54
N GLY A 321 -28.60 5.95 5.71
CA GLY A 321 -28.05 5.14 4.63
C GLY A 321 -26.66 5.51 4.15
N SER A 322 -26.00 6.42 4.87
CA SER A 322 -24.62 6.79 4.54
C SER A 322 -23.65 5.62 4.83
N LYS A 323 -22.75 5.37 3.88
CA LYS A 323 -21.78 4.29 4.00
C LYS A 323 -20.67 4.65 4.98
N LYS A 324 -20.23 3.67 5.77
CA LYS A 324 -18.99 3.82 6.51
C LYS A 324 -18.12 2.59 6.22
N TYR A 325 -16.80 2.79 6.18
CA TYR A 325 -15.91 1.70 5.80
C TYR A 325 -15.18 1.29 7.06
N VAL A 326 -15.40 0.05 7.49
CA VAL A 326 -14.99 -0.36 8.83
C VAL A 326 -13.92 -1.45 8.74
N THR A 327 -12.77 -1.20 9.36
CA THR A 327 -11.60 -2.07 9.18
C THR A 327 -11.27 -2.71 10.52
N PRO A 328 -10.82 -3.98 10.51
CA PRO A 328 -10.52 -4.64 11.78
C PRO A 328 -9.42 -3.92 12.56
N ARG A 329 -9.47 -4.02 13.90
CA ARG A 329 -8.44 -3.49 14.80
C ARG A 329 -7.19 -4.38 14.80
N LEU A 330 -6.04 -3.80 15.14
CA LEU A 330 -4.81 -4.62 15.22
C LEU A 330 -4.89 -5.72 16.29
N ALA A 331 -5.75 -5.50 17.30
CA ALA A 331 -5.98 -6.53 18.32
C ALA A 331 -6.46 -7.87 17.72
N THR A 332 -6.94 -7.87 16.46
CA THR A 332 -7.31 -9.14 15.81
C THR A 332 -6.11 -10.00 15.41
N GLY A 333 -4.95 -9.38 15.31
CA GLY A 333 -3.77 -10.06 14.82
C GLY A 333 -3.45 -9.72 13.35
N CYS A 334 -4.29 -8.92 12.69
CA CYS A 334 -4.03 -8.60 11.29
C CYS A 334 -2.75 -7.78 11.10
N LEU A 335 -2.21 -7.80 9.90
CA LEU A 335 -1.02 -6.98 9.64
C LEU A 335 -1.33 -5.48 9.82
N CYS A 336 -0.41 -4.75 10.49
CA CYS A 336 -0.49 -3.29 10.53
C CYS A 336 -0.10 -2.72 9.15
N GLY A 337 -0.99 -2.85 8.18
CA GLY A 337 -0.70 -2.45 6.78
C GLY A 337 -0.45 -0.96 6.69
N THR A 338 0.46 -0.57 5.80
CA THR A 338 0.74 0.84 5.59
C THR A 338 -0.42 1.53 4.87
N MET A 339 -1.07 0.83 3.93
CA MET A 339 -2.20 1.43 3.24
C MET A 339 -3.38 1.58 4.21
N ARG A 340 -3.56 0.58 5.06
CA ARG A 340 -4.53 0.69 6.16
C ARG A 340 -4.24 1.93 7.02
N HIS A 341 -2.97 2.10 7.42
CA HIS A 341 -2.60 3.23 8.27
C HIS A 341 -2.89 4.56 7.59
N TYR A 342 -2.58 4.62 6.31
CA TYR A 342 -2.78 5.81 5.48
C TYR A 342 -4.26 6.16 5.42
N LEU A 343 -5.10 5.15 5.14
CA LEU A 343 -6.53 5.40 5.00
C LEU A 343 -7.13 5.81 6.36
N LEU A 344 -6.63 5.21 7.43
CA LEU A 344 -7.06 5.62 8.78
C LEU A 344 -6.69 7.07 9.10
N ARG A 345 -5.47 7.48 8.81
CA ARG A 345 -5.08 8.83 9.20
C ARG A 345 -5.77 9.88 8.32
N LEU A 346 -6.18 9.47 7.12
CA LEU A 346 -6.97 10.37 6.25
C LEU A 346 -8.47 10.42 6.65
N GLY A 347 -8.87 9.53 7.54
CA GLY A 347 -10.29 9.43 7.94
C GLY A 347 -11.21 8.74 6.93
N LEU A 348 -10.64 8.06 5.94
CA LEU A 348 -11.42 7.37 4.89
C LEU A 348 -11.98 6.02 5.35
N ILE A 349 -11.33 5.40 6.32
CA ILE A 349 -11.85 4.18 6.94
C ILE A 349 -11.77 4.40 8.43
N GLU A 350 -12.48 3.57 9.19
CA GLU A 350 -12.45 3.67 10.64
C GLU A 350 -12.38 2.27 11.20
N GLU A 351 -11.82 2.14 12.39
CA GLU A 351 -11.67 0.83 13.00
C GLU A 351 -12.98 0.33 13.59
N GLY A 352 -13.18 -0.99 13.61
CA GLY A 352 -14.37 -1.59 14.24
C GLY A 352 -14.13 -3.08 14.42
N ASP A 353 -15.09 -3.76 15.04
CA ASP A 353 -15.00 -5.21 15.26
C ASP A 353 -16.03 -5.85 14.35
N ILE A 354 -15.58 -6.72 13.45
CA ILE A 354 -16.48 -7.37 12.49
C ILE A 354 -16.43 -8.89 12.67
N ASP A 355 -17.56 -9.50 13.00
CA ASP A 355 -17.62 -10.95 13.11
C ASP A 355 -17.62 -11.51 11.70
N ILE A 356 -16.79 -12.53 11.46
CA ILE A 356 -16.63 -13.11 10.12
C ILE A 356 -17.96 -13.67 9.63
N GLY A 357 -18.83 -14.06 10.58
CA GLY A 357 -20.16 -14.61 10.27
C GLY A 357 -21.12 -13.60 9.66
N SER A 358 -20.80 -12.31 9.81
CA SER A 358 -21.63 -11.24 9.26
C SER A 358 -21.46 -11.01 7.77
N LEU A 359 -20.41 -11.57 7.16
CA LEU A 359 -20.20 -11.36 5.73
C LEU A 359 -21.04 -12.36 4.95
N THR A 360 -21.73 -11.87 3.94
CA THR A 360 -22.55 -12.76 3.13
C THR A 360 -22.34 -12.47 1.65
N VAL A 361 -22.67 -13.45 0.80
CA VAL A 361 -22.54 -13.28 -0.63
C VAL A 361 -23.25 -12.02 -1.10
N GLY A 362 -22.56 -11.19 -1.88
CA GLY A 362 -23.12 -9.91 -2.32
C GLY A 362 -22.54 -8.69 -1.59
N ASN A 363 -22.06 -8.89 -0.37
CA ASN A 363 -21.47 -7.79 0.41
C ASN A 363 -20.28 -7.15 -0.29
N GLU A 364 -20.26 -5.82 -0.28
CA GLU A 364 -19.15 -5.07 -0.85
C GLU A 364 -18.08 -4.87 0.22
N VAL A 365 -16.82 -5.02 -0.19
CA VAL A 365 -15.68 -4.67 0.68
C VAL A 365 -14.67 -3.80 -0.03
N LEU A 366 -13.78 -3.17 0.74
CA LEU A 366 -12.57 -2.56 0.18
C LEU A 366 -11.38 -3.42 0.54
N LEU A 367 -10.41 -3.54 -0.38
CA LEU A 367 -9.19 -4.30 -0.14
C LEU A 367 -8.05 -3.35 -0.43
N PHE A 368 -6.98 -3.44 0.36
CA PHE A 368 -5.90 -2.48 0.19
C PHE A 368 -4.52 -3.00 0.59
N ASN A 369 -3.51 -2.55 -0.14
CA ASN A 369 -2.11 -2.75 0.20
C ASN A 369 -1.30 -1.59 -0.39
N GLY A 370 -0.01 -1.55 -0.07
CA GLY A 370 0.86 -0.43 -0.42
C GLY A 370 1.43 -0.51 -1.82
N VAL A 371 0.97 -1.49 -2.60
CA VAL A 371 1.42 -1.65 -3.98
C VAL A 371 0.34 -1.16 -4.95
N MET A 372 -0.88 -1.68 -4.75
CA MET A 372 -2.01 -1.34 -5.61
C MET A 372 -2.97 -0.32 -5.02
N GLY A 373 -2.76 0.05 -3.75
CA GLY A 373 -3.69 0.94 -3.07
C GLY A 373 -5.00 0.22 -2.75
N CYS A 374 -6.10 0.94 -2.88
CA CYS A 374 -7.40 0.44 -2.47
C CYS A 374 -8.27 0.10 -3.67
N ILE A 375 -8.90 -1.07 -3.64
CA ILE A 375 -9.84 -1.52 -4.69
C ILE A 375 -11.11 -2.09 -4.10
N LYS A 376 -12.14 -2.24 -4.93
CA LYS A 376 -13.37 -2.88 -4.48
C LYS A 376 -13.25 -4.40 -4.56
N GLY A 377 -13.95 -5.08 -3.66
CA GLY A 377 -14.17 -6.51 -3.81
C GLY A 377 -15.62 -6.82 -3.47
N THR A 378 -16.10 -7.98 -3.90
CA THR A 378 -17.44 -8.39 -3.60
C THR A 378 -17.35 -9.84 -3.11
N VAL A 379 -17.98 -10.14 -1.98
CA VAL A 379 -18.03 -11.51 -1.47
C VAL A 379 -18.85 -12.34 -2.48
N LYS A 380 -18.23 -13.39 -3.00
CA LYS A 380 -18.85 -14.20 -4.04
C LYS A 380 -19.09 -15.65 -3.61
N THR A 381 -18.36 -16.12 -2.61
CA THR A 381 -18.50 -17.51 -2.18
C THR A 381 -17.91 -17.70 -0.79
N LYS A 382 -18.27 -18.80 -0.16
CA LYS A 382 -17.69 -19.15 1.14
C LYS A 382 -17.13 -20.54 1.07
N TYR A 383 -15.99 -20.73 1.74
CA TYR A 383 -15.29 -22.02 1.69
C TYR A 383 -14.42 -22.26 2.91
#